data_6HNO
#
_entry.id   6HNO
#
_cell.length_a   91.400
_cell.length_b   91.400
_cell.length_c   132.696
_cell.angle_alpha   90.00
_cell.angle_beta   90.00
_cell.angle_gamma   90.00
#
_symmetry.space_group_name_H-M   'I 4 2 2'
#
loop_
_entity.id
_entity.type
_entity.pdbx_description
1 polymer '17-beta-hydroxysteroid dehydrogenase 14'
2 non-polymer NICOTINAMIDE-ADENINE-DINUCLEOTIDE
3 water water
#
_entity_poly.entity_id   1
_entity_poly.type   'polypeptide(L)'
_entity_poly.pdbx_seq_one_letter_code
;GHMATGTRYAGKVVVVTGGGRGIGAGIVRAFVNSGARVVICDKDESGGRALEQELPGAVFILCDVTQEDDVKTLVSETIR
RFGRLDCVVNNAGHAPPPQRPEETSAQGFRQLLELNLLGTYTLTKLALPYLRKSQGNVINISSLVGAIGQAQAVPYVATK
GAVTAMTKALALDESPYGVRVNCISPGNIWTPLWEELAALMPDPRASIREGMLAQPLGRMGQPAEVGAAAVFLASEANFC
TGIELLVTGGAELGYGCKASRSTPVDAPDIPSGS
;
_entity_poly.pdbx_strand_id   A
#
loop_
_chem_comp.id
_chem_comp.type
_chem_comp.name
_chem_comp.formula
NAD non-polymer NICOTINAMIDE-ADENINE-DINUCLEOTIDE 'C21 H27 N7 O14 P2'
#
# COMPACT_ATOMS: atom_id res chain seq x y z
N GLY A 6 -19.67 8.28 -8.52
CA GLY A 6 -18.66 9.32 -8.56
C GLY A 6 -18.09 9.50 -9.95
N THR A 7 -17.46 10.65 -10.21
CA THR A 7 -16.90 10.92 -11.52
C THR A 7 -15.46 11.41 -11.51
N ARG A 8 -14.83 11.56 -10.34
CA ARG A 8 -13.46 12.10 -10.26
C ARG A 8 -12.46 11.24 -11.01
N TYR A 9 -12.67 9.93 -11.08
CA TYR A 9 -11.74 9.06 -11.78
C TYR A 9 -12.49 8.12 -12.71
N ALA A 10 -13.56 8.63 -13.30
CA ALA A 10 -14.38 7.86 -14.24
C ALA A 10 -13.63 7.56 -15.52
N GLY A 11 -13.95 6.42 -16.09
CA GLY A 11 -13.29 5.92 -17.28
C GLY A 11 -11.89 5.37 -17.05
N LYS A 12 -11.40 5.34 -15.81
CA LYS A 12 -10.05 4.88 -15.50
C LYS A 12 -10.07 3.45 -14.96
N VAL A 13 -8.91 2.80 -15.08
CA VAL A 13 -8.70 1.41 -14.65
C VAL A 13 -7.55 1.36 -13.68
N VAL A 14 -7.80 0.76 -12.51
CA VAL A 14 -6.90 0.79 -11.38
C VAL A 14 -6.66 -0.64 -10.93
N VAL A 15 -5.39 -0.98 -10.71
CA VAL A 15 -5.02 -2.24 -10.07
C VAL A 15 -4.60 -1.95 -8.63
N VAL A 16 -5.17 -2.69 -7.68
CA VAL A 16 -4.81 -2.60 -6.26
C VAL A 16 -4.32 -3.97 -5.80
N THR A 17 -3.05 -4.07 -5.45
CA THR A 17 -2.56 -5.32 -4.88
C THR A 17 -2.84 -5.37 -3.37
N GLY A 18 -2.96 -6.59 -2.85
CA GLY A 18 -3.38 -6.74 -1.45
C GLY A 18 -4.75 -6.13 -1.21
N GLY A 19 -5.59 -6.11 -2.22
CA GLY A 19 -6.83 -5.38 -2.17
C GLY A 19 -7.97 -6.09 -1.51
N GLY A 20 -7.76 -7.28 -0.93
CA GLY A 20 -8.88 -8.08 -0.47
C GLY A 20 -9.40 -7.70 0.91
N ARG A 21 -8.60 -7.02 1.71
CA ARG A 21 -9.01 -6.64 3.05
C ARG A 21 -8.15 -5.47 3.50
N GLY A 22 -8.48 -4.93 4.67
CA GLY A 22 -7.63 -3.92 5.30
C GLY A 22 -7.50 -2.66 4.47
N ILE A 23 -6.29 -2.10 4.48
CA ILE A 23 -6.04 -0.87 3.75
C ILE A 23 -6.36 -1.07 2.29
N GLY A 24 -5.92 -2.18 1.72
CA GLY A 24 -6.19 -2.46 0.30
C GLY A 24 -7.66 -2.37 -0.04
N ALA A 25 -8.52 -3.01 0.78
CA ALA A 25 -9.95 -2.97 0.47
C ALA A 25 -10.48 -1.58 0.62
N GLY A 26 -9.93 -0.78 1.55
CA GLY A 26 -10.32 0.63 1.63
C GLY A 26 -9.98 1.40 0.37
N ILE A 27 -8.83 1.10 -0.21
CA ILE A 27 -8.41 1.77 -1.43
C ILE A 27 -9.29 1.34 -2.60
N VAL A 28 -9.59 0.03 -2.69
CA VAL A 28 -10.49 -0.44 -3.72
C VAL A 28 -11.82 0.30 -3.64
N ARG A 29 -12.41 0.38 -2.45
CA ARG A 29 -13.71 1.02 -2.34
C ARG A 29 -13.66 2.49 -2.75
N ALA A 30 -12.61 3.19 -2.35
CA ALA A 30 -12.49 4.60 -2.69
C ALA A 30 -12.44 4.82 -4.18
N PHE A 31 -11.67 3.99 -4.89
CA PHE A 31 -11.58 4.10 -6.34
C PHE A 31 -12.90 3.72 -7.03
N VAL A 32 -13.57 2.66 -6.58
CA VAL A 32 -14.91 2.37 -7.13
C VAL A 32 -15.84 3.55 -6.92
N ASN A 33 -15.86 4.10 -5.70
CA ASN A 33 -16.69 5.26 -5.41
C ASN A 33 -16.34 6.48 -6.28
N SER A 34 -15.12 6.54 -6.83
N SER A 34 -15.13 6.55 -6.84
CA SER A 34 -14.71 7.65 -7.69
CA SER A 34 -14.74 7.67 -7.68
C SER A 34 -15.00 7.42 -9.16
C SER A 34 -14.99 7.41 -9.16
N GLY A 35 -15.59 6.28 -9.52
CA GLY A 35 -16.01 6.01 -10.88
C GLY A 35 -15.12 5.10 -11.68
N ALA A 36 -14.05 4.60 -11.10
CA ALA A 36 -13.08 3.76 -11.77
C ALA A 36 -13.51 2.31 -11.75
N ARG A 37 -12.94 1.56 -12.70
CA ARG A 37 -12.93 0.10 -12.65
C ARG A 37 -11.68 -0.35 -11.90
N VAL A 38 -11.83 -1.32 -11.00
CA VAL A 38 -10.75 -1.74 -10.12
C VAL A 38 -10.52 -3.23 -10.27
N VAL A 39 -9.27 -3.61 -10.50
CA VAL A 39 -8.85 -5.01 -10.47
C VAL A 39 -8.24 -5.26 -9.11
N ILE A 40 -8.86 -6.13 -8.33
CA ILE A 40 -8.34 -6.51 -7.00
C ILE A 40 -7.38 -7.65 -7.21
N CYS A 41 -6.13 -7.47 -6.79
CA CYS A 41 -5.13 -8.52 -6.80
C CYS A 41 -4.85 -8.92 -5.36
N ASP A 42 -4.98 -10.20 -5.05
CA ASP A 42 -4.70 -10.68 -3.72
C ASP A 42 -4.39 -12.17 -3.81
N LYS A 43 -3.62 -12.66 -2.85
CA LYS A 43 -3.22 -14.06 -2.85
C LYS A 43 -4.20 -14.93 -2.09
N ASP A 44 -5.00 -14.36 -1.20
CA ASP A 44 -6.08 -15.07 -0.53
C ASP A 44 -7.36 -14.83 -1.30
N GLU A 45 -8.22 -15.85 -1.32
CA GLU A 45 -9.47 -15.76 -2.08
C GLU A 45 -10.59 -15.10 -1.26
N SER A 46 -10.70 -15.44 0.03
CA SER A 46 -11.82 -15.02 0.87
C SER A 46 -12.27 -13.59 0.60
N GLY A 47 -11.43 -12.61 0.98
CA GLY A 47 -11.87 -11.22 1.00
C GLY A 47 -12.09 -10.67 -0.39
N GLY A 48 -11.15 -10.94 -1.31
CA GLY A 48 -11.21 -10.34 -2.63
C GLY A 48 -12.38 -10.81 -3.45
N ARG A 49 -12.68 -12.11 -3.39
CA ARG A 49 -13.83 -12.65 -4.11
C ARG A 49 -15.14 -12.06 -3.61
N ALA A 50 -15.29 -11.90 -2.30
CA ALA A 50 -16.51 -11.29 -1.79
C ALA A 50 -16.61 -9.84 -2.23
N LEU A 51 -15.48 -9.13 -2.28
CA LEU A 51 -15.50 -7.74 -2.69
C LEU A 51 -15.94 -7.60 -4.14
N GLU A 52 -15.53 -8.55 -4.99
N GLU A 52 -15.52 -8.52 -5.02
CA GLU A 52 -15.93 -8.53 -6.39
CA GLU A 52 -15.98 -8.46 -6.40
C GLU A 52 -17.44 -8.71 -6.53
C GLU A 52 -17.49 -8.62 -6.48
N GLN A 53 -18.05 -9.56 -5.70
CA GLN A 53 -19.50 -9.73 -5.73
C GLN A 53 -20.20 -8.48 -5.21
N GLU A 54 -19.58 -7.84 -4.24
CA GLU A 54 -20.20 -6.70 -3.57
C GLU A 54 -20.21 -5.45 -4.43
N LEU A 55 -19.10 -5.15 -5.13
CA LEU A 55 -18.91 -3.86 -5.77
C LEU A 55 -19.03 -4.00 -7.27
N PRO A 56 -20.10 -3.48 -7.87
CA PRO A 56 -20.09 -3.29 -9.31
C PRO A 56 -18.94 -2.37 -9.66
N GLY A 57 -18.12 -2.81 -10.58
CA GLY A 57 -16.95 -2.06 -10.94
C GLY A 57 -15.67 -2.67 -10.42
N ALA A 58 -15.73 -3.60 -9.46
CA ALA A 58 -14.51 -4.29 -9.03
C ALA A 58 -14.55 -5.76 -9.44
N VAL A 59 -13.40 -6.27 -9.88
CA VAL A 59 -13.22 -7.69 -10.15
C VAL A 59 -11.98 -8.18 -9.43
N PHE A 60 -11.95 -9.48 -9.20
CA PHE A 60 -10.90 -10.12 -8.40
C PHE A 60 -10.07 -11.04 -9.29
N ILE A 61 -8.75 -10.90 -9.19
CA ILE A 61 -7.82 -11.81 -9.84
C ILE A 61 -6.87 -12.35 -8.78
N LEU A 62 -6.82 -13.68 -8.63
CA LEU A 62 -5.94 -14.31 -7.66
C LEU A 62 -4.50 -14.17 -8.16
N CYS A 63 -3.64 -13.53 -7.36
CA CYS A 63 -2.31 -13.16 -7.82
C CYS A 63 -1.41 -13.00 -6.61
N ASP A 64 -0.24 -13.60 -6.66
CA ASP A 64 0.79 -13.45 -5.63
C ASP A 64 1.87 -12.58 -6.25
N VAL A 65 2.02 -11.33 -5.77
CA VAL A 65 2.94 -10.41 -6.41
C VAL A 65 4.39 -10.89 -6.38
N THR A 66 4.73 -11.91 -5.57
CA THR A 66 6.09 -12.41 -5.55
C THR A 66 6.35 -13.43 -6.66
N GLN A 67 5.34 -13.74 -7.45
CA GLN A 67 5.45 -14.71 -8.53
C GLN A 67 5.32 -13.95 -9.85
N GLU A 68 6.43 -13.85 -10.59
CA GLU A 68 6.45 -13.00 -11.77
C GLU A 68 5.40 -13.44 -12.79
N ASP A 69 5.16 -14.75 -12.92
CA ASP A 69 4.13 -15.19 -13.86
C ASP A 69 2.76 -14.67 -13.46
N ASP A 70 2.44 -14.73 -12.16
CA ASP A 70 1.17 -14.18 -11.65
C ASP A 70 1.05 -12.71 -12.02
N VAL A 71 2.13 -11.95 -11.87
CA VAL A 71 2.09 -10.51 -12.13
C VAL A 71 1.95 -10.25 -13.63
N LYS A 72 2.68 -10.99 -14.46
N LYS A 72 2.68 -10.99 -14.46
CA LYS A 72 2.52 -10.85 -15.90
CA LYS A 72 2.52 -10.85 -15.90
C LYS A 72 1.07 -11.08 -16.30
C LYS A 72 1.08 -11.08 -16.31
N THR A 73 0.46 -12.13 -15.75
CA THR A 73 -0.93 -12.44 -16.06
C THR A 73 -1.87 -11.35 -15.55
N LEU A 74 -1.60 -10.84 -14.35
CA LEU A 74 -2.40 -9.74 -13.82
C LEU A 74 -2.48 -8.59 -14.81
N VAL A 75 -1.33 -8.16 -15.33
CA VAL A 75 -1.33 -7.03 -16.26
C VAL A 75 -2.00 -7.42 -17.56
N SER A 76 -1.66 -8.60 -18.10
CA SER A 76 -2.21 -8.94 -19.41
C SER A 76 -3.72 -9.12 -19.33
N GLU A 77 -4.24 -9.65 -18.20
CA GLU A 77 -5.68 -9.82 -18.05
C GLU A 77 -6.37 -8.48 -17.83
N THR A 78 -5.74 -7.56 -17.09
CA THR A 78 -6.34 -6.23 -16.93
C THR A 78 -6.52 -5.54 -18.29
N ILE A 79 -5.51 -5.58 -19.16
CA ILE A 79 -5.59 -4.96 -20.48
C ILE A 79 -6.59 -5.70 -21.36
N ARG A 80 -6.54 -7.04 -21.36
CA ARG A 80 -7.48 -7.81 -22.19
C ARG A 80 -8.93 -7.50 -21.83
N ARG A 81 -9.23 -7.38 -20.52
CA ARG A 81 -10.61 -7.21 -20.07
C ARG A 81 -11.11 -5.77 -20.11
N PHE A 82 -10.23 -4.77 -19.90
CA PHE A 82 -10.64 -3.39 -19.71
C PHE A 82 -9.97 -2.41 -20.67
N GLY A 83 -8.96 -2.83 -21.41
CA GLY A 83 -8.51 -2.01 -22.53
C GLY A 83 -7.53 -0.90 -22.22
N ARG A 84 -7.18 -0.69 -20.95
CA ARG A 84 -6.26 0.38 -20.55
C ARG A 84 -5.85 0.13 -19.12
N LEU A 85 -4.83 0.87 -18.67
CA LEU A 85 -4.40 0.80 -17.28
C LEU A 85 -3.94 2.19 -16.87
N ASP A 86 -4.62 2.79 -15.90
CA ASP A 86 -4.32 4.15 -15.47
C ASP A 86 -3.56 4.27 -14.17
N CYS A 87 -3.68 3.32 -13.24
CA CYS A 87 -3.06 3.51 -11.94
C CYS A 87 -2.81 2.14 -11.32
N VAL A 88 -1.61 1.95 -10.77
N VAL A 88 -1.62 1.93 -10.78
CA VAL A 88 -1.27 0.78 -9.97
CA VAL A 88 -1.33 0.75 -9.97
C VAL A 88 -1.05 1.22 -8.53
C VAL A 88 -1.05 1.19 -8.54
N VAL A 89 -1.72 0.57 -7.59
CA VAL A 89 -1.55 0.85 -6.17
C VAL A 89 -0.86 -0.37 -5.58
N ASN A 90 0.41 -0.21 -5.20
CA ASN A 90 1.18 -1.33 -4.66
C ASN A 90 1.02 -1.33 -3.16
N ASN A 91 0.01 -2.08 -2.69
CA ASN A 91 -0.32 -2.18 -1.28
C ASN A 91 0.08 -3.51 -0.67
N ALA A 92 0.15 -4.57 -1.48
CA ALA A 92 0.57 -5.88 -0.99
C ALA A 92 1.82 -5.73 -0.13
N GLY A 93 1.79 -6.34 1.04
CA GLY A 93 2.92 -6.23 1.97
C GLY A 93 2.57 -6.95 3.24
N HIS A 94 3.61 -7.17 4.05
CA HIS A 94 3.42 -7.88 5.30
C HIS A 94 4.25 -7.23 6.39
N ALA A 95 3.70 -7.16 7.60
CA ALA A 95 4.43 -6.68 8.77
C ALA A 95 4.57 -7.85 9.73
N PRO A 96 5.75 -8.43 9.90
CA PRO A 96 5.91 -9.56 10.81
C PRO A 96 5.60 -9.15 12.24
N PRO A 97 5.41 -10.11 13.14
CA PRO A 97 5.35 -9.75 14.55
C PRO A 97 6.66 -9.16 15.01
N PRO A 98 6.65 -8.50 16.16
CA PRO A 98 7.90 -7.93 16.70
C PRO A 98 9.02 -8.97 16.80
N GLN A 99 10.22 -8.58 16.39
CA GLN A 99 11.41 -9.43 16.50
C GLN A 99 12.59 -8.60 16.98
N ARG A 100 13.27 -9.08 18.03
CA ARG A 100 14.53 -8.48 18.39
C ARG A 100 15.51 -8.66 17.23
N PRO A 101 16.43 -7.70 17.02
CA PRO A 101 17.37 -7.85 15.90
C PRO A 101 18.09 -9.18 15.90
N GLU A 102 18.50 -9.69 17.06
CA GLU A 102 19.27 -10.92 17.08
C GLU A 102 18.41 -12.13 16.73
N GLU A 103 17.09 -11.99 16.76
CA GLU A 103 16.14 -13.04 16.42
C GLU A 103 15.77 -13.07 14.94
N THR A 104 16.15 -12.06 14.17
CA THR A 104 15.93 -12.03 12.72
C THR A 104 16.97 -12.89 12.00
N SER A 105 16.70 -13.19 10.74
CA SER A 105 17.66 -13.91 9.91
C SER A 105 17.74 -13.24 8.54
N ALA A 106 18.88 -13.43 7.89
CA ALA A 106 19.04 -12.95 6.53
C ALA A 106 17.96 -13.54 5.62
N GLN A 107 17.62 -14.81 5.82
CA GLN A 107 16.67 -15.42 4.92
C GLN A 107 15.27 -14.85 5.15
N GLY A 108 14.88 -14.66 6.40
CA GLY A 108 13.61 -13.98 6.68
C GLY A 108 13.58 -12.58 6.10
N PHE A 109 14.69 -11.85 6.24
CA PHE A 109 14.86 -10.53 5.65
C PHE A 109 14.71 -10.58 4.13
N ARG A 110 15.35 -11.55 3.49
CA ARG A 110 15.23 -11.70 2.04
C ARG A 110 13.79 -11.96 1.64
N GLN A 111 13.09 -12.79 2.40
CA GLN A 111 11.70 -13.10 2.07
C GLN A 111 10.82 -11.87 2.20
N LEU A 112 11.04 -11.07 3.24
CA LEU A 112 10.25 -9.86 3.41
C LEU A 112 10.57 -8.85 2.33
N LEU A 113 11.85 -8.74 1.90
CA LEU A 113 12.15 -7.92 0.73
C LEU A 113 11.35 -8.39 -0.49
N GLU A 114 11.20 -9.71 -0.66
CA GLU A 114 10.48 -10.20 -1.84
C GLU A 114 9.05 -9.70 -1.83
N LEU A 115 8.41 -9.72 -0.66
CA LEU A 115 7.03 -9.29 -0.64
C LEU A 115 6.93 -7.77 -0.72
N ASN A 116 7.60 -7.09 0.18
CA ASN A 116 7.30 -5.68 0.40
C ASN A 116 7.92 -4.78 -0.65
N LEU A 117 9.07 -5.18 -1.21
CA LEU A 117 9.85 -4.34 -2.12
C LEU A 117 9.80 -4.89 -3.54
N LEU A 118 10.20 -6.15 -3.76
CA LEU A 118 10.35 -6.63 -5.12
C LEU A 118 9.00 -6.91 -5.79
N GLY A 119 7.93 -7.21 -5.05
CA GLY A 119 6.62 -7.33 -5.70
C GLY A 119 6.16 -6.00 -6.26
N THR A 120 6.35 -4.94 -5.48
CA THR A 120 6.10 -3.58 -5.96
C THR A 120 6.92 -3.26 -7.21
N TYR A 121 8.20 -3.60 -7.17
CA TYR A 121 9.08 -3.37 -8.31
C TYR A 121 8.56 -4.10 -9.56
N THR A 122 8.19 -5.37 -9.40
CA THR A 122 7.89 -6.22 -10.55
C THR A 122 6.61 -5.77 -11.25
N LEU A 123 5.55 -5.53 -10.49
CA LEU A 123 4.31 -5.07 -11.09
C LEU A 123 4.48 -3.70 -11.72
N THR A 124 5.18 -2.79 -11.04
CA THR A 124 5.38 -1.47 -11.62
C THR A 124 6.06 -1.58 -12.97
N LYS A 125 7.11 -2.39 -13.03
CA LYS A 125 7.86 -2.55 -14.26
C LYS A 125 6.97 -3.06 -15.39
N LEU A 126 6.16 -4.07 -15.11
CA LEU A 126 5.32 -4.62 -16.15
C LEU A 126 4.20 -3.68 -16.53
N ALA A 127 3.76 -2.84 -15.59
CA ALA A 127 2.67 -1.91 -15.90
C ALA A 127 3.12 -0.66 -16.62
N LEU A 128 4.39 -0.27 -16.48
CA LEU A 128 4.76 1.07 -16.91
C LEU A 128 4.55 1.30 -18.41
N PRO A 129 4.74 0.32 -19.30
CA PRO A 129 4.46 0.61 -20.72
C PRO A 129 3.05 1.08 -20.95
N TYR A 130 2.10 0.54 -20.18
CA TYR A 130 0.70 0.90 -20.32
C TYR A 130 0.39 2.21 -19.61
N LEU A 131 1.02 2.42 -18.45
CA LEU A 131 0.88 3.71 -17.77
C LEU A 131 1.45 4.83 -18.63
N ARG A 132 2.52 4.56 -19.38
CA ARG A 132 3.02 5.62 -20.25
C ARG A 132 1.97 5.99 -21.30
N LYS A 133 1.25 5.00 -21.83
CA LYS A 133 0.25 5.27 -22.88
C LYS A 133 -0.93 6.10 -22.35
N SER A 134 -1.31 5.90 -21.10
CA SER A 134 -2.43 6.55 -20.46
C SER A 134 -2.05 7.80 -19.68
N GLN A 135 -0.75 8.13 -19.58
CA GLN A 135 -0.28 9.18 -18.66
C GLN A 135 -0.81 8.92 -17.25
N GLY A 136 -0.75 7.63 -16.85
CA GLY A 136 -1.25 7.17 -15.57
C GLY A 136 -0.19 7.39 -14.50
N ASN A 137 -0.37 6.69 -13.37
CA ASN A 137 0.46 6.96 -12.21
C ASN A 137 0.59 5.72 -11.35
N VAL A 138 1.64 5.73 -10.53
CA VAL A 138 1.93 4.69 -9.55
C VAL A 138 1.76 5.25 -8.15
N ILE A 139 1.09 4.49 -7.27
CA ILE A 139 0.98 4.81 -5.85
C ILE A 139 1.52 3.62 -5.05
N ASN A 140 2.61 3.83 -4.32
CA ASN A 140 3.12 2.80 -3.42
C ASN A 140 2.69 3.07 -1.98
N ILE A 141 2.26 2.03 -1.27
CA ILE A 141 1.92 2.15 0.14
C ILE A 141 3.15 1.75 0.95
N SER A 142 3.78 2.73 1.58
CA SER A 142 4.99 2.51 2.34
C SER A 142 4.61 2.44 3.83
N SER A 143 5.31 3.10 4.74
CA SER A 143 4.93 3.20 6.12
C SER A 143 5.73 4.34 6.71
N LEU A 144 5.11 5.03 7.65
CA LEU A 144 5.83 6.04 8.43
C LEU A 144 7.09 5.47 9.07
N VAL A 145 7.10 4.18 9.44
CA VAL A 145 8.27 3.68 10.15
C VAL A 145 9.49 3.60 9.23
N GLY A 146 9.32 3.68 7.90
CA GLY A 146 10.45 3.78 7.01
C GLY A 146 11.21 5.07 7.20
N ALA A 147 10.50 6.12 7.59
CA ALA A 147 11.04 7.46 7.76
C ALA A 147 11.65 7.67 9.15
N ILE A 148 11.01 7.15 10.21
CA ILE A 148 11.40 7.46 11.60
C ILE A 148 11.84 6.24 12.38
N GLY A 149 11.81 5.05 11.80
CA GLY A 149 12.12 3.83 12.53
C GLY A 149 10.98 3.30 13.40
N GLN A 150 11.21 2.09 13.90
CA GLN A 150 10.33 1.39 14.82
C GLN A 150 11.18 0.36 15.52
N ALA A 151 10.87 0.10 16.79
CA ALA A 151 11.57 -0.95 17.50
C ALA A 151 11.02 -2.33 17.07
N GLN A 152 11.91 -3.30 17.17
CA GLN A 152 11.63 -4.74 16.98
C GLN A 152 11.08 -5.01 15.58
N ALA A 153 11.63 -4.32 14.58
CA ALA A 153 11.20 -4.49 13.21
C ALA A 153 12.27 -4.09 12.19
N VAL A 154 13.53 -4.49 12.41
CA VAL A 154 14.61 -4.07 11.51
C VAL A 154 14.30 -4.43 10.06
N PRO A 155 13.93 -5.66 9.73
CA PRO A 155 13.64 -5.96 8.32
C PRO A 155 12.47 -5.17 7.76
N TYR A 156 11.37 -5.06 8.52
CA TYR A 156 10.20 -4.36 8.01
C TYR A 156 10.52 -2.92 7.70
N VAL A 157 11.20 -2.25 8.63
CA VAL A 157 11.55 -0.82 8.44
C VAL A 157 12.41 -0.66 7.20
N ALA A 158 13.41 -1.52 7.08
CA ALA A 158 14.31 -1.45 5.92
C ALA A 158 13.52 -1.59 4.63
N THR A 159 12.53 -2.49 4.58
CA THR A 159 11.77 -2.61 3.32
C THR A 159 10.97 -1.36 3.01
N LYS A 160 10.43 -0.71 4.05
CA LYS A 160 9.64 0.47 3.77
C LYS A 160 10.53 1.67 3.47
N GLY A 161 11.72 1.73 4.06
CA GLY A 161 12.67 2.72 3.64
C GLY A 161 13.04 2.56 2.17
N ALA A 162 13.19 1.31 1.73
CA ALA A 162 13.46 1.05 0.32
C ALA A 162 12.31 1.47 -0.59
N VAL A 163 11.06 1.19 -0.20
CA VAL A 163 9.92 1.56 -1.06
C VAL A 163 9.83 3.06 -1.21
N THR A 164 10.00 3.81 -0.11
CA THR A 164 9.90 5.25 -0.19
C THR A 164 11.02 5.81 -1.06
N ALA A 165 12.27 5.34 -0.88
CA ALA A 165 13.36 5.80 -1.75
C ALA A 165 13.10 5.44 -3.21
N MET A 166 12.73 4.18 -3.48
CA MET A 166 12.46 3.75 -4.83
C MET A 166 11.38 4.59 -5.53
N THR A 167 10.36 5.02 -4.77
CA THR A 167 9.34 5.93 -5.30
C THR A 167 9.96 7.19 -5.92
N LYS A 168 10.92 7.79 -5.20
CA LYS A 168 11.52 9.03 -5.65
C LYS A 168 12.39 8.78 -6.88
N ALA A 169 13.12 7.67 -6.88
CA ALA A 169 13.97 7.33 -8.02
C ALA A 169 13.14 7.09 -9.26
N LEU A 170 12.06 6.31 -9.14
CA LEU A 170 11.22 6.04 -10.29
C LEU A 170 10.52 7.31 -10.76
N ALA A 171 10.12 8.16 -9.81
CA ALA A 171 9.53 9.44 -10.20
C ALA A 171 10.47 10.23 -11.10
N LEU A 172 11.76 10.27 -10.76
CA LEU A 172 12.70 10.96 -11.63
C LEU A 172 12.74 10.29 -13.00
N ASP A 173 12.76 8.97 -13.04
CA ASP A 173 12.94 8.26 -14.29
C ASP A 173 11.75 8.43 -15.23
N GLU A 174 10.54 8.43 -14.67
CA GLU A 174 9.31 8.45 -15.48
C GLU A 174 8.76 9.85 -15.71
N SER A 175 9.33 10.88 -15.06
CA SER A 175 8.81 12.24 -15.27
C SER A 175 8.84 12.70 -16.72
N PRO A 176 9.86 12.40 -17.55
CA PRO A 176 9.80 12.82 -18.96
C PRO A 176 8.67 12.17 -19.72
N TYR A 177 8.12 11.07 -19.23
CA TYR A 177 7.05 10.37 -19.89
C TYR A 177 5.70 10.73 -19.31
N GLY A 178 5.66 11.67 -18.37
CA GLY A 178 4.41 12.13 -17.82
C GLY A 178 3.77 11.18 -16.83
N VAL A 179 4.49 10.15 -16.39
CA VAL A 179 3.99 9.19 -15.41
C VAL A 179 4.46 9.61 -14.03
N ARG A 180 3.50 9.91 -13.15
CA ARG A 180 3.77 10.30 -11.77
C ARG A 180 3.90 9.06 -10.88
N VAL A 181 4.76 9.17 -9.87
CA VAL A 181 5.04 8.06 -8.96
C VAL A 181 5.12 8.63 -7.54
N ASN A 182 4.24 8.17 -6.66
CA ASN A 182 4.08 8.77 -5.36
C ASN A 182 3.90 7.64 -4.35
N CYS A 183 4.09 7.94 -3.07
CA CYS A 183 3.78 6.96 -2.06
C CYS A 183 2.96 7.60 -0.94
N ILE A 184 2.25 6.72 -0.25
CA ILE A 184 1.53 7.04 0.98
C ILE A 184 2.21 6.31 2.13
N SER A 185 2.43 7.02 3.24
CA SER A 185 3.09 6.43 4.40
C SER A 185 2.08 6.43 5.54
N PRO A 186 1.28 5.38 5.70
CA PRO A 186 0.36 5.31 6.85
C PRO A 186 1.10 5.12 8.15
N GLY A 187 0.47 5.59 9.21
CA GLY A 187 0.90 5.26 10.55
C GLY A 187 0.09 4.09 11.04
N ASN A 188 -0.57 4.24 12.18
CA ASN A 188 -1.40 3.18 12.73
C ASN A 188 -2.78 3.21 12.09
N ILE A 189 -3.12 2.18 11.32
CA ILE A 189 -4.42 2.08 10.66
C ILE A 189 -5.12 0.85 11.18
N TRP A 190 -6.35 1.02 11.67
CA TRP A 190 -7.06 -0.11 12.27
C TRP A 190 -7.46 -1.07 11.16
N THR A 191 -6.92 -2.31 11.18
CA THR A 191 -7.11 -3.31 10.12
C THR A 191 -7.02 -4.72 10.70
N PRO A 192 -7.28 -5.75 9.89
CA PRO A 192 -7.12 -7.13 10.42
C PRO A 192 -5.67 -7.47 10.78
N LEU A 193 -4.68 -6.87 10.09
CA LEU A 193 -3.30 -7.09 10.49
C LEU A 193 -3.04 -6.49 11.87
N TRP A 194 -3.55 -5.28 12.13
CA TRP A 194 -3.38 -4.68 13.44
C TRP A 194 -4.01 -5.54 14.53
N GLU A 195 -5.25 -5.98 14.31
CA GLU A 195 -5.96 -6.77 15.31
C GLU A 195 -5.25 -8.09 15.58
N GLU A 196 -4.74 -8.75 14.53
CA GLU A 196 -4.00 -10.00 14.69
C GLU A 196 -2.71 -9.79 15.48
N LEU A 197 -1.90 -8.79 15.07
CA LEU A 197 -0.67 -8.51 15.80
C LEU A 197 -0.95 -8.22 17.28
N ALA A 198 -2.04 -7.50 17.57
CA ALA A 198 -2.36 -7.19 18.96
C ALA A 198 -2.77 -8.43 19.73
N ALA A 199 -3.39 -9.41 19.06
CA ALA A 199 -3.86 -10.60 19.75
C ALA A 199 -2.72 -11.46 20.27
N LEU A 200 -1.55 -11.42 19.61
CA LEU A 200 -0.39 -12.16 20.07
C LEU A 200 0.23 -11.56 21.32
N MET A 201 -0.12 -10.33 21.66
CA MET A 201 0.47 -9.61 22.78
C MET A 201 -0.15 -10.06 24.09
N PRO A 202 0.56 -9.86 25.22
CA PRO A 202 0.06 -10.33 26.52
C PRO A 202 -1.34 -9.84 26.79
N ASP A 203 -1.50 -8.52 26.79
CA ASP A 203 -2.79 -7.88 26.93
C ASP A 203 -3.13 -7.19 25.61
N PRO A 204 -3.98 -7.79 24.76
CA PRO A 204 -4.32 -7.11 23.50
C PRO A 204 -5.04 -5.78 23.68
N ARG A 205 -5.92 -5.67 24.68
CA ARG A 205 -6.62 -4.41 24.91
C ARG A 205 -5.62 -3.28 25.16
N ALA A 206 -4.61 -3.54 25.99
CA ALA A 206 -3.62 -2.51 26.28
C ALA A 206 -2.82 -2.14 25.03
N SER A 207 -2.44 -3.14 24.24
CA SER A 207 -1.65 -2.86 23.03
C SER A 207 -2.42 -1.95 22.08
N ILE A 208 -3.73 -2.18 21.95
CA ILE A 208 -4.57 -1.34 21.12
C ILE A 208 -4.69 0.05 21.72
N ARG A 209 -4.85 0.14 23.04
CA ARG A 209 -4.90 1.44 23.69
C ARG A 209 -3.62 2.23 23.45
N GLU A 210 -2.45 1.57 23.57
CA GLU A 210 -1.19 2.23 23.25
C GLU A 210 -1.17 2.69 21.79
N GLY A 211 -1.68 1.86 20.87
CA GLY A 211 -1.65 2.23 19.47
C GLY A 211 -2.50 3.45 19.16
N MET A 212 -3.63 3.62 19.86
CA MET A 212 -4.45 4.81 19.66
C MET A 212 -3.76 6.06 20.17
N LEU A 213 -3.04 5.96 21.28
CA LEU A 213 -2.44 7.15 21.87
C LEU A 213 -1.08 7.51 21.28
N ALA A 214 -0.57 6.74 20.30
CA ALA A 214 0.65 7.13 19.62
C ALA A 214 0.42 8.29 18.67
N GLN A 215 -0.84 8.65 18.43
CA GLN A 215 -1.25 9.73 17.54
C GLN A 215 -1.82 10.86 18.35
N PRO A 216 -1.41 12.10 18.10
CA PRO A 216 -2.06 13.24 18.78
C PRO A 216 -3.57 13.29 18.59
N LEU A 217 -4.09 12.77 17.47
CA LEU A 217 -5.52 12.78 17.26
C LEU A 217 -6.25 11.80 18.18
N GLY A 218 -5.53 10.89 18.84
CA GLY A 218 -6.11 10.04 19.85
C GLY A 218 -6.82 8.82 19.34
N ARG A 219 -6.70 8.52 18.05
CA ARG A 219 -7.33 7.35 17.45
C ARG A 219 -6.40 6.83 16.38
N MET A 220 -6.67 5.62 15.93
CA MET A 220 -6.03 5.08 14.74
C MET A 220 -6.81 5.53 13.51
N GLY A 221 -6.18 5.38 12.37
CA GLY A 221 -6.79 5.77 11.13
C GLY A 221 -7.61 4.63 10.55
N GLN A 222 -8.34 4.96 9.51
CA GLN A 222 -9.19 4.01 8.83
C GLN A 222 -8.69 3.75 7.42
N PRO A 223 -8.91 2.53 6.91
CA PRO A 223 -8.65 2.24 5.48
C PRO A 223 -9.26 3.25 4.54
N ALA A 224 -10.47 3.73 4.83
CA ALA A 224 -11.10 4.73 3.98
C ALA A 224 -10.25 6.01 3.87
N GLU A 225 -9.57 6.39 4.96
CA GLU A 225 -8.73 7.60 4.92
C GLU A 225 -7.48 7.38 4.06
N VAL A 226 -6.88 6.20 4.10
CA VAL A 226 -5.83 5.92 3.13
C VAL A 226 -6.40 5.89 1.71
N GLY A 227 -7.59 5.32 1.56
CA GLY A 227 -8.17 5.29 0.23
C GLY A 227 -8.39 6.67 -0.35
N ALA A 228 -8.89 7.60 0.45
CA ALA A 228 -9.09 8.94 -0.05
C ALA A 228 -7.78 9.59 -0.48
N ALA A 229 -6.71 9.38 0.30
CA ALA A 229 -5.40 9.89 -0.08
C ALA A 229 -4.94 9.31 -1.41
N ALA A 230 -5.18 8.02 -1.63
CA ALA A 230 -4.81 7.42 -2.91
C ALA A 230 -5.59 8.01 -4.09
N VAL A 231 -6.91 8.21 -3.92
CA VAL A 231 -7.72 8.78 -4.99
C VAL A 231 -7.26 10.19 -5.30
N PHE A 232 -6.94 10.97 -4.26
CA PHE A 232 -6.36 12.29 -4.47
C PHE A 232 -5.11 12.21 -5.34
N LEU A 233 -4.18 11.34 -4.98
CA LEU A 233 -2.92 11.26 -5.73
C LEU A 233 -3.15 10.82 -7.16
N ALA A 234 -4.12 9.94 -7.41
CA ALA A 234 -4.35 9.47 -8.77
C ALA A 234 -5.04 10.54 -9.61
N SER A 235 -6.01 11.23 -9.03
CA SER A 235 -7.01 11.95 -9.81
C SER A 235 -6.80 13.45 -9.82
N GLU A 236 -6.18 14.02 -8.80
CA GLU A 236 -6.11 15.47 -8.65
C GLU A 236 -4.73 16.02 -8.31
N ALA A 237 -3.75 15.17 -8.08
CA ALA A 237 -2.42 15.62 -7.69
C ALA A 237 -1.45 15.68 -8.87
N ASN A 238 -1.85 16.40 -9.91
CA ASN A 238 -1.18 16.30 -11.19
C ASN A 238 0.17 16.99 -11.25
N PHE A 239 0.53 17.78 -10.25
CA PHE A 239 1.86 18.35 -10.11
C PHE A 239 2.64 17.71 -8.95
N CYS A 240 2.17 16.60 -8.40
CA CYS A 240 2.87 15.85 -7.34
C CYS A 240 3.54 14.63 -7.95
N THR A 241 4.85 14.55 -7.85
CA THR A 241 5.53 13.29 -8.16
C THR A 241 6.68 13.13 -7.18
N GLY A 242 6.93 11.87 -6.77
CA GLY A 242 7.95 11.60 -5.78
C GLY A 242 7.65 12.07 -4.38
N ILE A 243 6.37 12.31 -4.02
CA ILE A 243 6.05 12.79 -2.68
C ILE A 243 5.71 11.59 -1.81
N GLU A 244 5.81 11.81 -0.50
CA GLU A 244 5.49 10.86 0.55
C GLU A 244 4.36 11.49 1.34
N LEU A 245 3.14 11.01 1.11
CA LEU A 245 1.94 11.56 1.75
C LEU A 245 1.69 10.83 3.05
N LEU A 246 1.90 11.54 4.15
CA LEU A 246 1.78 10.93 5.48
C LEU A 246 0.33 10.90 5.91
N VAL A 247 -0.15 9.71 6.29
CA VAL A 247 -1.49 9.49 6.80
C VAL A 247 -1.33 8.83 8.15
N THR A 248 -1.04 9.65 9.18
CA THR A 248 -0.49 9.16 10.44
C THR A 248 -1.15 9.75 11.69
N GLY A 249 -2.07 10.71 11.55
CA GLY A 249 -2.68 11.33 12.71
C GLY A 249 -1.71 12.12 13.55
N GLY A 250 -0.57 12.52 12.99
CA GLY A 250 0.43 13.31 13.68
C GLY A 250 1.43 12.52 14.50
N ALA A 251 1.56 11.22 14.24
CA ALA A 251 2.39 10.35 15.08
C ALA A 251 3.84 10.81 15.08
N GLU A 252 4.31 11.42 13.99
CA GLU A 252 5.71 11.81 13.87
C GLU A 252 6.01 13.12 14.59
N LEU A 253 4.98 13.81 15.09
CA LEU A 253 5.13 15.15 15.66
C LEU A 253 5.49 15.07 17.13
N GLY A 254 6.36 15.96 17.54
CA GLY A 254 6.64 16.16 18.95
C GLY A 254 7.42 15.02 19.59
N TYR A 255 7.71 15.24 20.87
CA TYR A 255 8.29 14.28 21.79
C TYR A 255 7.25 13.31 22.34
N GLY A 256 7.69 12.09 22.64
CA GLY A 256 6.85 11.09 23.26
C GLY A 256 7.65 10.24 24.23
N CYS A 257 6.98 9.26 24.83
CA CYS A 257 7.64 8.27 25.68
C CYS A 257 8.35 7.26 24.78
N LYS A 258 9.69 7.26 24.81
CA LYS A 258 10.49 6.46 23.90
C LYS A 258 11.54 5.59 24.58
N ALA A 259 11.70 5.69 25.89
CA ALA A 259 12.72 4.92 26.58
C ALA A 259 12.08 3.93 27.56
N PRO A 268 20.67 13.74 35.38
CA PRO A 268 19.73 13.49 34.28
C PRO A 268 20.43 13.34 32.94
N ASP A 269 21.71 13.73 32.88
CA ASP A 269 22.49 13.76 31.66
C ASP A 269 23.48 12.60 31.55
N ILE A 270 23.37 11.60 32.42
CA ILE A 270 24.29 10.45 32.40
C ILE A 270 23.51 9.15 32.44
PA NAD B . -3.56 -6.83 5.95
O1A NAD B . -2.78 -8.02 6.36
O2A NAD B . -4.83 -6.55 6.81
O5B NAD B . -3.96 -6.91 4.41
C5B NAD B . -2.93 -7.13 3.42
C4B NAD B . -3.53 -7.83 2.22
O4B NAD B . -2.47 -8.13 1.28
C3B NAD B . -4.24 -9.15 2.53
O3B NAD B . -5.51 -9.22 1.86
C2B NAD B . -3.23 -10.20 2.05
O2B NAD B . -3.76 -11.45 1.61
C1B NAD B . -2.60 -9.48 0.88
N9A NAD B . -1.29 -10.00 0.53
C8A NAD B . -0.27 -10.41 1.35
N7A NAD B . 0.74 -10.96 0.72
C5A NAD B . 0.39 -10.88 -0.61
C6A NAD B . 1.03 -11.29 -1.79
N6A NAD B . 2.20 -11.92 -1.81
N1A NAD B . 0.40 -11.04 -2.97
C2A NAD B . -0.79 -10.43 -2.95
N3A NAD B . -1.50 -10.02 -1.89
C4A NAD B . -0.86 -10.28 -0.75
O3 NAD B . -2.58 -5.57 6.05
PN NAD B . -2.75 -3.98 6.14
O1N NAD B . -2.56 -3.56 7.55
O2N NAD B . -4.02 -3.63 5.48
O5D NAD B . -1.48 -3.52 5.31
C5D NAD B . -1.57 -3.11 3.93
C4D NAD B . -0.32 -2.36 3.56
O4D NAD B . -0.22 -1.17 4.36
C3D NAD B . 1.02 -3.12 3.74
O3D NAD B . 1.95 -2.73 2.72
C2D NAD B . 1.50 -2.60 5.10
O2D NAD B . 2.91 -2.75 5.31
C1D NAD B . 1.06 -1.14 4.97
N1N NAD B . 0.97 -0.37 6.29
C2N NAD B . 0.05 -0.78 7.20
C3N NAD B . -0.04 -0.13 8.41
C7N NAD B . -1.10 -0.41 9.45
O7N NAD B . -1.07 0.20 10.51
N7N NAD B . -2.03 -1.35 9.16
C4N NAD B . 0.84 0.91 8.68
C5N NAD B . 1.76 1.31 7.73
C6N NAD B . 1.80 0.66 6.52
#